data_1NDS
#
_entry.id   1NDS
#
_cell.length_a   67.890
_cell.length_b   102.200
_cell.length_c   151.880
_cell.angle_alpha   90.00
_cell.angle_beta   90.00
_cell.angle_gamma   90.00
#
_symmetry.space_group_name_H-M   'P 21 21 21'
#
loop_
_entity.id
_entity.type
_entity.pdbx_description
1 polymer 'NITRITE REDUCTASE'
2 non-polymer 'COPPER (II) ION'
3 non-polymer 'NITRITE ION'
4 water water
#
_entity_poly.entity_id   1
_entity_poly.type   'polypeptide(L)'
_entity_poly.pdbx_seq_one_letter_code
;GLPRVAVDLVAPPLVHPHSQVAAGAPKVVQFRMSIEEKKMVADDDGTTAQAMTFNGSVPGPTLVVHEGDYIELTLVNPAT
NSMPHNVDFHAATGALGGAGLTQVVPGQEAVLRFKADRSGTFVYHCAPAGMVPWHVVSGMNGALMVLPRDGLRDAAGAAL
AYDRVYTIGESDLYVPKAADGNYSDYPALASAYADTVAVMRTLTPSHAVFNGAVGALTGANALTAAVGESVLIIHSQANR
DSRPHLIGGHGDWVWTTGKFANPPQLNMETWFIPGGSAAAALYTFKQPGTYAYLSHNLIEAMELGAAAQASVEGQWDDDL
MTSVAAPGPA
;
_entity_poly.pdbx_strand_id   A,B,C
#
# COMPACT_ATOMS: atom_id res chain seq x y z
CA GLY A 1 -17.28 32.36 -24.55
CA LEU A 2 -16.84 28.59 -24.86
CA PRO A 3 -19.59 26.33 -26.12
CA ARG A 4 -21.59 24.38 -23.52
CA VAL A 5 -22.78 20.81 -23.48
CA ALA A 6 -25.22 19.02 -21.19
CA VAL A 7 -24.48 15.33 -20.44
CA ASP A 8 -26.83 12.55 -19.30
CA LEU A 9 -25.45 10.63 -16.38
CA VAL A 10 -25.75 6.85 -16.52
CA ALA A 11 -25.82 4.58 -13.46
CA PRO A 12 -22.81 2.37 -12.50
CA PRO A 13 -21.25 0.06 -13.52
CA LEU A 14 -21.86 1.86 -16.80
CA VAL A 15 -20.27 5.15 -17.92
CA HIS A 16 -22.19 7.62 -20.11
CA PRO A 17 -21.19 7.69 -23.82
CA HIS A 18 -18.13 9.79 -24.71
CA SER A 19 -15.19 10.11 -27.13
CA GLN A 20 -11.70 9.00 -26.21
CA VAL A 21 -9.76 11.06 -28.73
CA ALA A 22 -11.36 14.36 -29.60
CA ALA A 23 -10.75 16.72 -32.50
CA GLY A 24 -13.04 19.14 -30.65
CA ALA A 25 -11.87 21.90 -28.35
CA PRO A 26 -12.48 23.20 -24.80
CA LYS A 27 -16.12 23.22 -23.72
CA VAL A 28 -18.19 23.67 -20.58
CA VAL A 29 -19.75 20.31 -19.78
CA GLN A 30 -22.84 20.53 -17.58
CA PHE A 31 -23.92 17.76 -15.20
CA ARG A 32 -26.65 17.72 -12.49
CA MET A 33 -26.73 15.45 -9.41
CA SER A 34 -29.33 14.87 -6.69
CA ILE A 35 -28.52 13.74 -3.21
CA GLU A 36 -30.59 10.82 -1.93
CA GLU A 37 -30.39 9.42 1.60
CA LYS A 38 -32.04 5.96 1.89
CA LYS A 39 -32.00 2.69 3.84
CA MET A 40 -30.61 -0.17 1.83
CA VAL A 41 -30.33 -3.90 2.32
CA ALA A 42 -26.59 -4.76 2.12
CA ASP A 43 -26.59 -8.59 2.16
CA ASP A 44 -28.14 -12.04 1.93
CA ASP A 45 -29.66 -11.89 5.38
CA GLY A 46 -31.33 -8.55 5.25
CA THR A 47 -28.82 -6.44 7.14
CA THR A 48 -29.58 -2.81 6.27
CA ALA A 49 -27.58 0.40 5.92
CA GLN A 50 -28.86 3.90 6.60
CA ALA A 51 -27.07 5.14 3.45
CA MET A 52 -26.46 8.53 1.83
CA THR A 53 -26.01 8.73 -1.96
CA PHE A 54 -25.42 10.92 -5.02
CA ASN A 55 -28.21 9.98 -7.53
CA GLY A 56 -29.49 6.98 -5.54
CA SER A 57 -26.47 4.68 -6.02
CA VAL A 58 -23.34 3.52 -4.18
CA PRO A 59 -21.10 4.78 -5.98
CA GLY A 60 -22.31 8.01 -7.48
CA PRO A 61 -22.27 8.28 -11.31
CA THR A 62 -18.98 8.66 -13.21
CA LEU A 63 -18.50 11.98 -15.02
CA VAL A 64 -16.30 11.88 -18.15
CA VAL A 65 -14.68 15.07 -19.56
CA HIS A 66 -11.43 15.85 -21.50
CA GLU A 67 -8.36 17.71 -20.37
CA GLY A 68 -8.93 21.41 -20.79
CA ASP A 69 -12.72 21.33 -20.38
CA TYR A 70 -14.67 22.95 -17.57
CA ILE A 71 -17.10 21.03 -15.39
CA GLU A 72 -20.28 22.81 -14.39
CA LEU A 73 -22.22 20.82 -11.80
CA THR A 74 -25.47 21.78 -10.09
CA LEU A 75 -25.88 19.78 -6.89
CA VAL A 76 -29.46 19.43 -5.61
CA ASN A 77 -30.51 18.44 -2.03
CA PRO A 78 -34.25 17.37 -2.20
CA ALA A 79 -35.71 18.70 1.09
CA THR A 80 -36.98 15.17 1.83
CA ASN A 81 -33.41 14.62 3.08
CA SER A 82 -32.37 15.76 6.52
CA MET A 83 -28.65 16.32 6.41
CA PRO A 84 -26.75 19.09 4.68
N HIS A 85 -25.33 18.64 2.71
CA HIS A 85 -24.29 17.95 1.96
C HIS A 85 -23.47 18.94 1.11
CA ASN A 86 -21.68 19.21 -0.57
CA VAL A 87 -18.92 17.99 -2.97
CA ASP A 88 -15.13 17.78 -2.97
CA PHE A 89 -13.69 17.01 -6.40
N HIS A 90 -11.62 15.77 -6.21
CA HIS A 90 -10.18 15.63 -6.06
C HIS A 90 -9.47 16.15 -7.32
CA ALA A 91 -9.66 16.98 -9.60
CA ALA A 92 -10.54 20.57 -8.78
CA THR A 93 -8.16 23.26 -7.51
CA GLY A 94 -9.19 25.61 -4.71
CA ALA A 95 -11.74 25.93 -1.89
CA LEU A 96 -11.31 22.38 -0.64
CA GLY A 97 -12.07 20.97 -4.07
CA GLY A 98 -15.28 22.96 -4.14
CA ALA A 99 -16.69 21.84 -0.78
CA GLY A 100 -16.61 25.41 0.55
CA LEU A 101 -18.82 26.58 -2.33
CA THR A 102 -21.33 23.71 -2.59
CA GLN A 103 -22.85 23.84 0.92
CA VAL A 104 -26.43 22.79 0.44
CA VAL A 105 -28.92 22.27 3.33
CA PRO A 106 -32.24 20.39 2.73
CA GLY A 107 -34.26 22.20 0.06
CA GLN A 108 -31.27 23.81 -1.70
CA GLU A 109 -29.30 23.79 -4.97
CA ALA A 110 -25.81 25.16 -5.94
CA VAL A 111 -23.76 25.53 -9.11
CA LEU A 112 -19.98 25.21 -9.34
CA ARG A 113 -17.63 25.56 -12.34
CA PHE A 114 -14.05 24.33 -12.35
CA LYS A 115 -11.32 23.77 -14.94
CA ALA A 116 -10.24 20.16 -15.55
CA ASP A 117 -6.52 20.79 -16.22
CA ARG A 118 -5.07 17.48 -15.01
CA SER A 119 -6.02 14.21 -16.63
CA GLY A 120 -6.86 10.89 -15.03
CA THR A 121 -9.47 9.28 -12.82
CA PHE A 122 -10.14 11.27 -9.63
CA VAL A 123 -12.48 10.60 -6.68
CA TYR A 124 -15.27 13.04 -5.70
N HIS A 125 -16.24 13.26 -3.48
CA HIS A 125 -17.02 12.81 -2.33
C HIS A 125 -17.63 13.96 -1.51
N CYS A 126 -18.62 13.64 -0.68
CA CYS A 126 -19.24 14.63 0.18
C CYS A 126 -18.27 14.87 1.33
CA ALA A 127 -17.37 16.40 2.98
CA PRO A 128 -19.52 18.33 5.48
CA ALA A 129 -17.60 20.06 8.33
CA GLY A 130 -17.58 17.79 11.36
CA MET A 131 -19.23 14.89 9.43
CA VAL A 132 -16.68 13.97 6.75
CA PRO A 133 -15.98 10.26 7.35
CA TRP A 134 -19.60 9.44 8.20
N HIS A 135 -20.27 10.65 6.19
CA HIS A 135 -20.91 10.81 4.89
C HIS A 135 -20.25 9.99 3.78
CA VAL A 136 -18.14 9.19 2.82
CA VAL A 137 -18.34 5.82 4.56
CA SER A 138 -22.13 5.93 4.07
CA GLY A 139 -21.84 5.98 0.30
N MET A 140 -21.31 8.34 0.04
CA MET A 140 -21.21 9.57 -0.72
C MET A 140 -19.94 9.84 -1.49
CA ASN A 141 -18.64 9.39 -3.52
CA GLY A 142 -17.81 8.45 -7.10
CA ALA A 143 -15.33 9.13 -9.93
CA LEU A 144 -14.50 11.99 -12.40
CA MET A 145 -12.57 10.84 -15.49
CA VAL A 146 -10.54 13.45 -17.40
CA LEU A 147 -9.35 11.91 -20.68
CA PRO A 148 -6.28 13.30 -22.44
CA ARG A 149 -7.48 15.16 -25.54
CA ASP A 150 -5.71 12.62 -27.78
CA GLY A 151 -6.86 9.45 -25.97
CA LEU A 152 -4.81 7.08 -23.85
CA ARG A 153 -1.24 6.19 -24.96
CA ASP A 154 1.20 3.47 -23.90
CA ALA A 155 4.58 4.00 -22.31
CA ALA A 156 5.86 5.12 -25.77
CA GLY A 157 3.17 7.29 -27.37
CA ALA A 158 1.47 4.42 -29.22
CA ALA A 159 -2.29 5.03 -29.07
CA LEU A 160 -4.40 2.65 -26.85
CA ALA A 161 -8.19 2.27 -27.23
CA TYR A 162 -10.81 0.41 -25.19
CA ASP A 163 -14.05 -1.04 -26.42
CA ARG A 164 -16.01 -0.43 -23.21
CA VAL A 165 -15.62 0.95 -19.66
CA TYR A 166 -16.98 -0.10 -16.28
CA THR A 167 -16.99 1.57 -12.87
CA ILE A 168 -16.57 -0.32 -9.64
CA GLY A 169 -16.74 1.56 -6.34
CA GLU A 170 -15.59 -0.38 -3.30
CA SER A 171 -17.13 0.49 0.08
CA ASP A 172 -15.88 -0.47 3.58
CA LEU A 173 -19.01 -0.52 5.78
CA TYR A 174 -19.22 -0.23 9.60
CA VAL A 175 -22.60 -1.67 10.64
CA PRO A 176 -23.20 -1.93 14.43
CA LYS A 177 -24.10 -5.18 16.21
CA ALA A 178 -26.17 -5.15 19.41
CA ALA A 179 -25.82 -7.23 22.62
CA ASP A 180 -27.02 -10.45 21.01
CA GLY A 181 -24.55 -10.09 18.12
CA ASN A 182 -27.34 -8.95 15.81
CA TYR A 183 -26.73 -6.03 13.47
CA SER A 184 -28.77 -3.15 14.81
CA ASP A 185 -31.59 -1.82 12.58
CA TYR A 186 -32.24 1.96 12.65
CA PRO A 187 -35.55 3.73 11.94
CA ALA A 188 -33.84 7.04 11.20
CA LEU A 189 -30.47 8.02 9.69
CA ALA A 190 -29.66 10.16 12.72
CA SER A 191 -30.29 7.19 15.10
CA ALA A 192 -27.50 5.42 13.18
CA TYR A 193 -24.80 8.01 13.79
CA ALA A 194 -23.38 7.49 17.29
CA ASP A 195 -23.13 3.70 17.15
CA THR A 196 -21.52 3.63 13.74
CA VAL A 197 -18.89 6.15 14.80
CA ALA A 198 -17.94 3.87 17.70
CA VAL A 199 -17.42 1.05 15.15
CA MET A 200 -15.40 3.24 12.75
CA ARG A 201 -12.85 3.86 15.48
CA THR A 202 -12.10 0.16 15.71
CA LEU A 203 -10.89 0.47 12.09
CA THR A 204 -12.33 -2.90 11.10
CA PRO A 205 -15.21 -3.08 8.58
CA SER A 206 -18.23 -5.30 9.03
CA HIS A 207 -18.75 -5.58 5.25
CA ALA A 208 -16.56 -4.45 2.28
CA VAL A 209 -18.80 -4.11 -0.77
CA PHE A 210 -18.64 -3.48 -4.56
CA ASN A 211 -21.33 -1.18 -5.89
CA GLY A 212 -23.60 -1.20 -2.84
CA ALA A 213 -24.41 -4.84 -2.03
CA VAL A 214 -22.78 -8.22 -1.42
CA GLY A 215 -23.64 -9.78 -4.78
CA ALA A 216 -23.89 -6.58 -6.78
CA LEU A 217 -21.92 -7.71 -9.81
CA THR A 218 -22.88 -11.35 -9.96
CA GLY A 219 -25.65 -13.45 -11.49
CA ALA A 220 -27.80 -11.45 -13.88
CA ASN A 221 -25.64 -8.44 -12.95
CA ALA A 222 -22.21 -9.81 -13.78
CA LEU A 223 -20.29 -7.68 -16.30
CA THR A 224 -20.00 -8.90 -19.90
CA ALA A 225 -17.37 -8.84 -22.58
CA ALA A 226 -16.29 -10.89 -25.58
CA VAL A 227 -12.95 -12.47 -26.44
CA GLY A 228 -11.14 -9.78 -28.41
CA GLU A 229 -12.48 -6.78 -26.49
CA SER A 230 -10.42 -4.33 -24.47
CA VAL A 231 -12.21 -3.23 -21.36
CA LEU A 232 -11.26 -0.21 -19.21
CA ILE A 233 -12.00 -1.04 -15.59
CA ILE A 234 -12.24 2.04 -13.32
CA HIS A 235 -11.95 1.28 -9.58
CA SER A 236 -12.44 3.78 -6.75
CA GLN A 237 -12.06 3.60 -2.96
CA ALA A 238 -12.54 6.85 -1.09
CA ASN A 239 -11.43 5.73 2.41
CA ARG A 240 -9.39 2.49 2.46
CA ASP A 241 -6.87 0.74 0.16
CA SER A 242 -7.51 -2.35 -1.99
CA ARG A 243 -5.65 -4.80 -4.29
CA PRO A 244 -7.79 -5.37 -7.39
CA HIS A 245 -7.20 -8.63 -9.22
CA LEU A 246 -8.82 -10.36 -12.25
CA ILE A 247 -8.83 -14.17 -11.83
CA GLY A 248 -7.71 -15.77 -15.09
CA GLY A 249 -6.55 -12.48 -16.58
CA HIS A 250 -4.11 -9.60 -15.97
CA GLY A 251 -3.76 -5.84 -16.15
CA ASP A 252 -2.24 -5.21 -19.60
CA TRP A 253 -1.74 -1.52 -18.96
CA VAL A 254 -2.40 -0.18 -15.49
CA TRP A 255 -2.38 3.28 -13.96
CA THR A 256 -2.86 2.34 -10.26
CA THR A 257 -2.36 5.99 -9.22
CA GLY A 258 -4.90 6.68 -12.01
CA LYS A 259 -3.22 9.78 -13.49
CA PHE A 260 -2.87 9.55 -17.29
CA ALA A 261 0.13 11.86 -17.86
CA ASN A 262 2.40 9.14 -16.37
CA PRO A 263 3.17 5.95 -18.34
CA PRO A 264 1.22 2.77 -17.46
CA GLN A 265 2.72 -0.49 -16.24
CA LEU A 266 2.28 -3.68 -18.13
CA ASN A 267 1.45 -7.23 -17.08
CA MET A 268 0.17 -6.64 -13.52
CA GLU A 269 -1.21 -9.72 -11.73
CA THR A 270 -2.74 -7.62 -8.93
CA TRP A 271 -2.48 -3.85 -8.40
CA PHE A 272 -3.02 -1.29 -5.54
CA ILE A 273 -5.42 1.66 -5.07
CA PRO A 274 -4.68 3.96 -2.09
CA GLY A 275 -7.65 5.07 -0.07
CA GLY A 276 -8.81 8.42 -1.30
CA SER A 277 -8.07 7.80 -5.03
CA ALA A 278 -9.25 6.00 -8.17
CA ALA A 279 -7.29 3.97 -10.73
CA ALA A 280 -7.67 2.42 -14.15
CA ALA A 281 -6.65 -0.83 -15.86
CA LEU A 282 -6.86 -1.89 -19.52
CA TYR A 283 -7.27 -5.57 -20.46
CA THR A 284 -8.09 -7.48 -23.66
CA PHE A 285 -9.90 -10.79 -23.26
CA LYS A 286 -8.16 -13.81 -24.86
CA GLN A 287 -10.22 -16.66 -23.44
CA PRO A 288 -14.01 -17.03 -22.78
CA GLY A 289 -15.61 -18.05 -19.46
CA THR A 290 -16.35 -16.59 -16.03
CA TYR A 291 -13.84 -14.30 -14.37
CA ALA A 292 -13.82 -13.04 -10.81
CA TYR A 293 -12.76 -9.46 -10.24
CA LEU A 294 -11.92 -8.86 -6.58
CA SER A 295 -9.81 -7.35 -3.75
N HIS A 296 -7.73 -8.65 -3.66
CA HIS A 296 -6.95 -9.85 -3.33
C HIS A 296 -6.54 -10.06 -1.86
CA ASN A 297 -7.11 -9.87 0.47
CA LEU A 298 -9.13 -13.07 0.17
CA ILE A 299 -10.85 -12.57 3.55
CA GLU A 300 -12.07 -9.14 2.51
CA ALA A 301 -13.09 -10.60 -0.85
CA MET A 302 -14.82 -13.89 0.03
CA GLU A 303 -15.72 -13.37 3.74
CA LEU A 304 -16.61 -9.64 3.74
CA GLY A 305 -17.93 -9.11 0.20
CA ALA A 306 -15.43 -7.51 -2.27
CA ALA A 307 -15.62 -9.81 -5.34
CA ALA A 308 -17.47 -9.78 -8.69
CA GLN A 309 -18.07 -11.62 -11.94
CA ALA A 310 -17.34 -10.97 -15.63
CA SER A 311 -18.80 -13.29 -18.34
CA VAL A 312 -16.78 -13.52 -21.49
CA GLU A 313 -18.17 -15.04 -24.68
CA GLY A 314 -15.93 -16.49 -27.43
CA GLN A 315 -13.79 -19.57 -28.24
CA TRP A 316 -11.07 -21.32 -26.24
CA ASP A 317 -7.42 -21.09 -27.26
CA ASP A 318 -5.52 -24.29 -26.47
CA ASP A 319 -2.15 -22.67 -27.10
CA LEU A 320 -2.80 -20.48 -24.03
CA MET A 321 -4.12 -23.32 -21.82
CA THR A 322 -4.97 -27.10 -22.05
CA SER A 323 -6.07 -29.79 -19.61
CA VAL A 324 -3.43 -32.27 -20.87
CA ALA A 325 -4.97 -34.92 -18.57
CA ALA A 326 -8.16 -34.58 -16.50
CA PRO A 327 -8.31 -35.56 -12.78
CA GLY A 328 -7.31 -39.21 -12.69
CA PRO A 329 -8.80 -41.66 -10.21
CA ALA A 330 -9.04 -44.13 -13.17
CA GLY B 1 41.23 15.20 4.01
CA LEU B 2 37.80 16.63 3.19
CA PRO B 3 36.58 19.90 4.68
CA ARG B 4 34.15 19.69 7.60
CA VAL B 5 31.05 21.67 8.38
CA ALA B 6 28.90 21.84 11.48
CA VAL B 7 25.13 22.31 10.99
CA ASP B 8 22.50 23.73 13.36
CA LEU B 9 19.47 21.54 13.59
CA VAL B 10 16.10 23.25 13.50
CA ALA B 11 12.89 21.85 15.03
CA PRO B 12 10.09 20.43 12.82
CA PRO B 13 8.10 21.25 10.78
CA LEU B 14 11.05 23.38 9.70
CA VAL B 15 14.23 22.14 7.98
CA HIS B 16 17.60 23.82 8.63
CA PRO B 17 18.87 26.14 5.84
CA HIS B 18 20.63 24.43 2.92
CA SER B 19 21.39 24.66 -0.81
CA GLN B 20 19.54 22.59 -3.33
CA VAL B 21 22.06 22.73 -6.15
CA ALA B 22 25.63 22.92 -5.01
CA ALA B 23 28.77 23.90 -6.91
CA GLY B 24 30.70 22.76 -3.81
CA ALA B 25 32.17 19.31 -3.38
CA PRO B 26 32.11 16.42 -0.87
CA LYS B 27 32.30 17.47 2.78
CA VAL B 28 31.93 15.96 6.23
CA VAL B 29 28.77 17.42 7.71
CA GLN B 30 28.64 17.30 11.50
CA PHE B 31 25.36 17.05 13.47
CA ARG B 32 24.76 16.42 17.20
CA MET B 33 21.55 14.99 18.77
CA SER B 34 20.41 14.51 22.36
CA ILE B 35 17.99 11.84 23.44
CA GLU B 36 15.13 13.05 25.61
CA GLU B 37 12.53 10.78 27.23
CA LYS B 38 9.49 12.76 28.55
CA LYS B 39 5.79 12.53 29.31
CA MET B 40 3.68 14.45 26.81
CA VAL B 41 0.02 15.37 26.56
CA ALA B 42 -1.22 13.91 23.26
CA ASP B 43 -4.80 15.34 23.01
CA ASP B 44 -7.64 17.67 23.91
CA ASP B 45 -8.54 15.76 27.04
CA GLY B 46 -5.19 15.43 28.66
CA THR B 47 -4.31 11.89 27.68
CA THR B 48 -0.53 11.52 28.14
CA ALA B 49 2.27 9.51 26.50
CA GLN B 50 5.42 8.32 28.18
CA ALA B 51 7.46 9.34 25.10
CA MET B 52 11.09 8.96 24.02
CA THR B 53 12.56 11.52 21.60
CA PHE B 54 15.60 12.75 19.64
CA ASN B 55 16.07 16.46 20.61
CA GLY B 56 12.77 16.72 22.47
CA SER B 57 10.39 16.41 19.53
CA VAL B 58 8.18 13.87 17.78
CA PRO B 59 9.66 13.61 15.03
CA GLY B 60 13.37 14.13 15.49
CA PRO B 61 14.98 16.92 13.46
CA THR B 62 15.54 16.51 9.70
CA LEU B 63 19.21 16.40 8.56
CA VAL B 64 19.92 17.69 5.02
CA VAL B 65 23.13 16.71 3.15
CA HIS B 66 24.07 16.23 -0.54
CA GLU B 67 24.91 13.02 -2.39
CA GLY B 68 28.56 12.19 -1.88
CA ASP B 69 28.90 13.89 1.53
CA TYR B 70 29.66 12.17 4.81
CA ILE B 71 27.43 12.45 7.87
CA GLU B 72 29.17 12.64 11.22
CA LEU B 73 26.69 12.44 14.09
CA THR B 74 27.42 12.44 17.80
CA LEU B 75 24.50 10.94 19.69
CA VAL B 76 24.22 11.97 23.37
CA ASN B 77 22.17 10.14 26.09
CA PRO B 78 21.81 12.63 29.07
CA ALA B 79 22.03 10.37 32.18
CA THR B 80 18.72 11.80 33.32
CA ASN B 81 17.25 9.24 30.95
CA SER B 82 16.88 5.61 32.02
CA MET B 83 16.85 3.56 28.84
CA PRO B 84 19.75 2.84 26.50
N HIS B 85 19.88 3.76 24.25
CA HIS B 85 19.35 4.06 22.91
C HIS B 85 20.44 3.89 21.84
CA ASN B 86 21.03 4.20 19.46
CA VAL B 87 20.37 5.06 15.79
CA ASP B 88 19.64 3.21 12.58
CA PHE B 89 19.97 5.36 9.46
N HIS B 90 18.45 4.62 7.71
CA HIS B 90 18.05 3.83 6.57
C HIS B 90 18.88 4.25 5.36
CA ALA B 91 20.51 5.76 4.38
CA ALA B 92 23.65 4.19 5.82
CA THR B 93 25.27 0.93 4.67
CA GLY B 94 26.57 -1.54 7.23
CA ALA B 95 26.24 -2.52 10.88
CA LEU B 96 22.44 -2.35 10.89
CA GLY B 97 22.50 1.23 9.64
CA GLY B 98 24.83 2.14 12.47
CA ALA B 99 22.83 0.74 15.37
CA GLY B 100 25.60 -1.70 16.27
CA LEU B 101 28.03 1.20 16.68
CA THR B 102 25.87 3.82 18.44
CA GLN B 103 24.94 1.85 21.61
CA VAL B 104 24.68 4.48 24.30
CA VAL B 105 23.48 3.79 27.86
CA PRO B 106 22.46 6.70 30.17
CA GLY B 107 25.45 8.97 30.68
CA GLN B 108 27.12 8.18 27.33
CA GLU B 109 27.99 9.69 23.93
CA ALA B 110 29.11 8.10 20.59
CA VAL B 111 30.27 9.34 17.17
CA LEU B 112 29.49 7.67 13.84
CA ARG B 113 30.57 8.63 10.30
CA PHE B 114 28.91 7.27 7.17
CA LYS B 115 28.94 8.06 3.45
CA ALA B 116 25.70 9.38 1.92
CA ASP B 117 25.99 7.72 -1.51
CA ARG B 118 22.29 7.34 -2.30
CA SER B 119 19.99 10.33 -2.63
CA GLY B 120 16.45 10.77 -1.37
CA THR B 121 14.60 11.08 1.92
CA PHE B 122 15.38 8.23 4.33
CA VAL B 123 13.97 7.44 7.81
CA TYR B 124 16.31 7.20 10.85
N HIS B 125 15.82 5.86 12.86
CA HIS B 125 15.10 5.58 14.10
C HIS B 125 15.92 4.80 15.16
N CYS B 126 15.49 4.84 16.42
CA CYS B 126 16.20 4.12 17.46
C CYS B 126 15.87 2.65 17.27
CA ALA B 127 16.52 0.34 17.54
CA PRO B 128 17.69 -1.24 20.81
CA ALA B 129 17.95 -5.06 20.80
CA GLY B 130 14.77 -6.51 22.24
CA MET B 131 13.08 -3.08 22.42
CA VAL B 132 12.80 -1.99 18.75
CA PRO B 133 9.10 -1.34 18.18
CA TRP B 134 8.55 0.17 21.65
N HIS B 135 10.48 1.59 21.23
CA HIS B 135 11.20 2.85 21.08
C HIS B 135 10.79 3.67 19.85
CA VAL B 136 10.07 3.64 17.52
CA VAL B 137 6.35 3.73 18.41
CA SER B 138 7.19 6.01 21.34
CA GLY B 139 8.58 8.72 19.08
N MET B 140 10.75 7.71 18.67
CA MET B 140 12.14 7.75 18.26
C MET B 140 12.50 7.61 16.78
CA ASN B 141 12.66 8.67 14.60
CA GLY B 142 12.93 11.34 11.93
CA ALA B 143 14.26 11.98 8.38
CA LEU B 144 17.65 12.33 6.57
CA MET B 145 17.44 14.13 3.25
CA VAL B 146 20.23 13.52 0.68
CA LEU B 147 19.83 15.99 -2.17
CA PRO B 148 21.31 15.23 -5.62
CA ARG B 149 24.33 17.49 -6.12
CA ASP B 150 22.53 19.30 -8.97
CA GLY B 151 19.14 19.74 -7.26
CA LEU B 152 15.85 17.97 -8.05
CA ARG B 153 14.93 17.34 -11.72
CA ASP B 154 11.69 16.29 -13.41
CA ALA B 155 11.09 13.16 -15.37
CA ALA B 156 13.18 14.72 -18.21
CA GLY B 157 16.16 16.48 -16.61
CA ALA B 158 14.45 19.86 -16.41
CA ALA B 159 15.53 21.44 -13.10
CA LEU B 160 12.87 21.76 -10.30
CA ALA B 161 13.20 24.18 -7.35
CA TYR B 162 11.13 24.65 -4.19
CA ASP B 163 10.71 27.84 -2.22
CA ARG B 164 10.40 26.16 1.19
CA VAL B 165 10.33 22.70 2.84
CA TYR B 166 8.31 21.23 5.70
CA THR B 167 8.59 17.96 7.63
CA ILE B 168 5.64 16.04 8.90
CA GLY B 169 6.19 12.87 10.93
CA GLU B 170 3.13 10.69 11.43
CA SER B 171 2.93 8.58 14.57
CA ASP B 172 0.59 5.67 15.30
CA LEU B 173 0.23 5.59 19.12
CA TYR B 174 -0.90 2.66 21.35
CA VAL B 175 -2.11 4.16 24.63
CA PRO B 176 -3.64 1.65 27.15
CA LYS B 177 -7.13 2.01 28.63
CA ALA B 178 -7.98 0.63 32.05
CA ALA B 179 -11.09 -1.23 33.29
CA ASP B 180 -13.28 1.90 33.21
CA GLY B 181 -12.25 2.68 29.63
CA ASN B 182 -9.98 5.48 30.84
CA TYR B 183 -6.53 5.78 29.30
CA SER B 184 -4.06 4.72 31.95
CA ASP B 185 -1.61 7.36 33.23
CA TYR B 186 1.90 6.18 34.14
CA PRO B 187 4.31 7.78 36.67
CA ALA B 188 7.39 6.15 35.10
CA LEU B 189 8.32 5.18 31.52
CA ALA B 190 9.04 1.63 32.58
CA SER B 191 5.57 1.33 34.17
CA ALA B 192 4.19 2.01 30.68
CA TYR B 193 5.97 -0.86 28.94
CA ALA B 194 4.00 -4.03 29.55
CA ASP B 195 0.56 -2.59 28.96
CA THR B 196 1.48 -0.79 25.78
CA VAL B 197 3.03 -3.95 24.29
CA ALA B 198 -0.27 -5.78 24.87
CA VAL B 199 -2.01 -3.01 22.89
CA MET B 200 0.57 -3.07 20.09
CA ARG B 201 -0.21 -6.70 19.40
CA THR B 202 -3.81 -5.87 18.61
CA LEU B 203 -2.38 -3.82 15.70
CA THR B 204 -4.93 -1.05 16.13
CA PRO B 205 -3.74 2.45 17.22
CA SER B 206 -5.54 4.55 19.85
CA HIS B 207 -4.32 7.80 18.22
CA ALA B 208 -2.50 8.50 14.87
CA VAL B 209 -0.77 11.87 15.18
CA PHE B 210 1.18 14.47 13.13
CA ASN B 211 4.19 15.96 14.84
CA GLY B 212 3.38 14.75 18.35
CA ALA B 213 -0.15 15.98 19.21
CA VAL B 214 -3.71 16.01 17.92
CA GLY B 215 -3.80 19.59 16.72
CA ALA B 216 -0.06 20.06 16.13
CA LEU B 217 -0.28 21.78 12.74
CA THR B 218 -3.44 23.81 13.23
CA GLY B 219 -4.38 27.18 14.65
CA ALA B 220 -1.37 29.40 15.24
CA ASN B 221 0.78 26.42 14.14
CA ALA B 222 -0.73 25.79 10.73
CA LEU B 223 1.83 25.88 7.93
CA THR B 224 2.00 28.95 5.69
CA ALA B 225 2.62 29.60 2.02
CA ALA B 226 1.69 32.17 -0.65
CA VAL B 227 0.04 31.69 -4.02
CA GLY B 228 2.97 31.21 -6.41
CA GLU B 229 5.24 29.28 -4.02
CA SER B 230 6.49 25.75 -4.47
CA VAL B 231 6.62 23.85 -1.26
CA LEU B 232 8.44 20.56 -0.69
CA ILE B 233 6.45 18.49 1.82
CA ILE B 234 8.49 15.70 3.45
CA HIS B 235 6.40 12.98 5.13
CA SER B 236 7.74 10.08 7.23
CA GLN B 237 6.14 7.08 8.93
CA ALA B 238 8.56 4.63 10.55
CA ASN B 239 6.08 1.81 11.35
CA ARG B 240 2.76 2.01 9.46
CA ASP B 241 1.61 3.14 5.98
CA SER B 242 -0.36 6.29 5.16
CA ARG B 243 -2.04 8.01 2.16
CA PRO B 244 -1.13 11.70 2.23
CA HIS B 245 -3.55 14.07 0.53
CA LEU B 246 -3.77 17.91 0.20
CA ILE B 247 -7.43 19.03 0.15
CA GLY B 248 -7.89 21.57 -2.66
CA GLY B 249 -4.52 20.86 -4.22
CA HIS B 250 -2.44 18.04 -5.70
CA GLY B 251 1.03 16.52 -5.80
CA ASP B 252 2.63 18.13 -8.87
CA TRP B 253 5.75 15.95 -8.68
CA VAL B 254 5.80 13.12 -6.18
CA TRP B 255 8.42 10.62 -5.12
CA THR B 256 6.31 8.38 -2.84
CA THR B 257 9.18 5.95 -2.43
CA GLY B 258 11.24 9.07 -1.70
CA LYS B 259 14.37 8.18 -3.69
CA PHE B 260 15.46 11.00 -6.03
CA ALA B 261 17.35 9.00 -8.68
CA ASN B 262 13.99 7.71 -10.01
CA PRO B 263 11.65 10.05 -11.93
CA PRO B 264 8.69 11.63 -10.09
CA GLN B 265 5.03 11.14 -10.94
CA LEU B 266 2.86 14.08 -11.81
CA ASN B 267 -0.68 15.09 -10.81
CA MET B 268 -1.24 12.78 -7.79
CA GLU B 269 -4.51 13.31 -5.94
CA THR B 270 -3.36 11.19 -2.98
CA TRP B 271 -0.14 9.19 -2.62
CA PHE B 272 1.25 6.28 -0.44
CA ILE B 273 4.11 6.03 2.05
CA PRO B 274 5.06 2.47 3.18
CA GLY B 275 5.73 2.01 6.85
CA GLY B 276 9.46 2.27 7.39
CA SER B 277 10.14 4.97 4.74
CA ALA B 278 9.79 8.68 3.94
CA ALA B 279 8.60 10.41 0.79
CA ALA B 280 8.47 13.85 -0.79
CA ALA B 281 5.97 15.87 -2.83
CA LEU B 282 6.34 19.18 -4.67
CA TYR B 283 3.37 21.54 -5.11
CA THR B 284 2.92 25.13 -6.26
CA PHE B 285 -0.03 27.03 -4.79
CA LYS B 286 -2.47 28.48 -7.32
CA GLN B 287 -5.33 29.60 -5.03
CA PRO B 288 -5.34 31.22 -1.54
CA GLY B 289 -7.21 29.86 1.48
CA THR B 290 -7.03 27.08 4.05
CA TYR B 291 -5.87 23.63 3.01
CA ALA B 292 -6.02 20.41 4.94
CA TYR B 293 -3.10 18.05 4.64
CA LEU B 294 -4.02 14.60 5.95
CA SER B 295 -3.96 10.76 5.79
N HIS B 296 -5.52 10.13 3.99
CA HIS B 296 -6.86 9.92 3.42
C HIS B 296 -7.63 8.66 3.83
CA ASN B 297 -8.23 7.09 5.55
CA LEU B 298 -10.77 9.60 6.86
CA ILE B 299 -11.29 7.73 10.15
CA GLU B 300 -7.55 7.82 10.86
CA ALA B 301 -7.55 11.49 9.85
CA MET B 302 -10.61 12.95 11.51
CA GLU B 303 -11.37 10.40 14.30
CA LEU B 304 -7.79 9.42 15.30
CA GLY B 305 -5.82 12.62 14.59
CA ALA B 306 -3.81 12.60 11.30
CA ALA B 307 -4.80 15.93 9.65
CA ALA B 308 -3.28 19.43 9.45
CA GLN B 309 -3.68 22.94 8.11
CA ALA B 310 -1.89 25.17 5.57
CA SER B 311 -2.82 28.85 5.19
CA VAL B 312 -2.13 30.29 1.79
CA GLU B 313 -2.18 34.02 1.12
CA GLY B 314 -2.86 35.49 -2.32
CA GLN B 315 -5.69 36.25 -4.80
CA TRP B 316 -8.42 33.99 -6.17
CA ASP B 317 -8.39 32.80 -9.76
CA ASP B 318 -11.90 32.47 -11.20
CA ASP B 319 -10.68 30.57 -14.27
CA LEU B 320 -9.68 27.73 -11.93
CA MET B 321 -12.90 27.81 -9.81
CA THR B 322 -16.15 29.87 -9.51
CA SER B 323 -19.37 29.58 -7.52
CA VAL B 324 -21.57 30.16 -10.59
CA ALA B 325 -24.64 30.19 -8.26
CA ALA B 326 -24.61 30.16 -4.43
CA PRO B 327 -26.83 27.76 -2.43
CA GLY B 328 -30.37 28.64 -3.45
CA PRO B 329 -33.32 28.46 -1.10
CA ALA B 330 -34.45 31.77 -2.66
CA GLY C 1 6.44 -30.24 -31.44
CA LEU C 2 8.56 -28.38 -28.92
CA PRO C 3 11.18 -30.16 -26.86
CA ARG C 4 10.32 -31.05 -23.26
CA VAL C 5 12.31 -30.75 -20.09
CA ALA C 6 11.65 -32.13 -16.61
CA VAL C 7 12.84 -30.00 -13.66
CA ASP C 8 13.67 -30.98 -10.08
CA LEU C 9 12.00 -28.75 -7.55
CA VAL C 10 14.11 -27.57 -4.65
CA ALA C 11 12.72 -26.51 -1.24
CA PRO C 12 12.64 -22.84 -0.17
CA PRO C 13 14.43 -20.59 0.51
CA LEU C 14 16.38 -22.07 -2.40
CA VAL C 15 15.37 -21.98 -6.08
CA HIS C 16 16.21 -24.88 -8.43
CA PRO C 17 19.15 -24.29 -10.85
CA HIS C 18 18.38 -22.32 -14.03
CA SER C 19 19.83 -19.96 -16.64
CA GLN C 20 19.12 -16.26 -16.58
CA VAL C 21 19.89 -15.45 -20.19
CA ALA C 22 19.14 -18.25 -22.60
CA ALA C 23 20.27 -18.82 -26.17
CA GLY C 24 17.79 -21.71 -26.21
CA ALA C 25 14.23 -21.50 -27.48
CA PRO C 26 10.65 -22.27 -26.33
CA LYS C 27 10.27 -25.58 -24.47
CA VAL C 28 7.67 -27.40 -22.42
CA VAL C 29 8.95 -27.48 -18.82
CA GLN C 30 7.50 -30.27 -16.70
CA PHE C 31 7.07 -30.00 -12.92
CA ARG C 32 5.19 -32.26 -10.47
CA MET C 33 3.79 -31.26 -7.04
CA SER C 34 2.21 -33.22 -4.21
CA ILE C 35 -0.29 -31.75 -1.79
CA GLU C 36 0.48 -32.38 1.87
CA GLU C 37 -1.82 -31.44 4.75
CA LYS C 38 -0.02 -31.60 8.16
CA LYS C 39 0.02 -30.16 11.67
CA MET C 40 2.99 -27.90 12.28
CA VAL C 41 4.50 -26.17 15.28
CA ALA C 42 4.57 -22.43 14.50
CA ASP C 43 6.51 -21.00 17.44
CA ASP C 44 8.76 -21.11 20.48
CA ASP C 45 5.98 -22.29 22.80
CA GLY C 46 4.59 -25.10 20.77
CA THR C 47 1.55 -23.46 19.26
CA THR C 48 0.52 -25.63 16.31
CA ALA C 49 -1.18 -25.04 12.93
CA GLN C 50 -3.37 -27.49 11.06
CA ALA C 51 -1.62 -26.56 7.80
CA MET C 52 -2.10 -27.47 4.11
CA THR C 53 0.92 -27.39 1.79
CA PHE C 54 2.30 -27.95 -1.70
CA ASN C 55 5.26 -30.39 -1.33
CA GLY C 56 5.32 -30.18 2.46
CA SER C 57 6.49 -26.58 2.91
CA VAL C 58 5.08 -23.12 3.61
CA PRO C 59 5.62 -21.67 0.88
CA GLY C 60 5.41 -24.16 -1.97
CA PRO C 61 8.48 -24.53 -4.20
CA THR C 62 9.40 -21.77 -6.71
CA LEU C 63 9.15 -22.79 -10.39
CA VAL C 64 11.50 -20.95 -12.80
CA VAL C 65 10.79 -20.80 -16.56
CA HIS C 66 11.54 -18.28 -19.39
CA GLU C 67 9.17 -16.06 -21.31
CA GLY C 68 7.69 -18.05 -24.17
CA ASP C 69 7.96 -21.47 -22.53
CA TYR C 70 5.07 -23.68 -21.52
CA ILE C 71 4.54 -25.00 -18.01
CA GLU C 72 3.25 -28.51 -17.67
CA LEU C 73 2.38 -29.36 -14.07
CA THR C 74 0.90 -32.58 -12.71
CA LEU C 75 -0.68 -31.93 -9.31
CA VAL C 76 -1.09 -34.97 -7.08
CA ASN C 77 -3.39 -35.29 -4.02
CA PRO C 78 -2.15 -38.34 -1.94
CA ALA C 79 -5.41 -39.92 -0.65
CA THR C 80 -4.00 -39.66 2.88
CA ASN C 81 -5.29 -36.07 2.68
CA SER C 82 -8.94 -35.31 3.27
CA MET C 83 -9.65 -32.11 1.45
CA PRO C 84 -9.93 -31.56 -2.31
N HIS C 85 -8.25 -30.21 -3.55
CA HIS C 85 -7.42 -29.03 -3.77
C HIS C 85 -7.36 -28.71 -5.26
CA ASN C 86 -6.32 -27.36 -7.04
CA VAL C 87 -4.09 -24.54 -8.42
CA ASP C 88 -4.53 -20.97 -9.62
CA PHE C 89 -1.44 -19.58 -11.38
N HIS C 90 -1.26 -17.19 -11.09
CA HIS C 90 -1.52 -15.81 -11.42
C HIS C 90 -0.85 -15.46 -12.72
CA ALA C 91 0.65 -16.15 -14.52
CA ALA C 92 -1.75 -18.28 -16.53
CA THR C 93 -4.58 -17.00 -18.76
CA GLY C 94 -8.00 -18.64 -18.68
CA ALA C 95 -10.16 -20.89 -16.51
CA LEU C 96 -9.43 -19.02 -13.27
CA GLY C 97 -5.67 -19.45 -13.76
CA GLY C 98 -6.18 -23.18 -14.14
CA ALA C 99 -8.26 -23.82 -11.00
CA GLY C 100 -11.24 -24.97 -13.04
CA LEU C 101 -9.11 -27.70 -14.67
CA THR C 102 -6.99 -28.91 -11.70
CA GLN C 103 -9.84 -30.12 -9.40
CA VAL C 104 -8.33 -33.02 -7.53
CA VAL C 105 -10.13 -34.84 -4.64
CA PRO C 106 -8.14 -37.24 -2.34
CA GLY C 107 -6.63 -39.99 -4.43
CA GLN C 108 -6.39 -38.04 -7.71
CA GLU C 109 -3.92 -36.44 -10.11
CA ALA C 110 -4.32 -33.86 -12.94
CA VAL C 111 -2.12 -32.36 -15.65
CA LEU C 112 -2.33 -28.79 -16.94
CA ARG C 113 -0.29 -26.98 -19.63
CA PHE C 114 -0.18 -23.20 -20.02
CA LYS C 115 1.88 -20.68 -21.95
CA ALA C 116 4.14 -18.34 -19.95
CA ASP C 117 3.83 -15.22 -22.15
CA ARG C 118 4.30 -12.53 -19.46
CA SER C 119 7.50 -12.27 -17.48
CA GLY C 120 8.03 -11.61 -13.80
CA THR C 121 7.37 -13.28 -10.46
CA PHE C 122 3.74 -14.40 -10.05
CA VAL C 123 1.96 -16.04 -7.06
CA TYR C 124 0.29 -19.49 -7.44
N HIS C 125 -1.60 -20.29 -6.06
CA HIS C 125 -2.18 -20.73 -4.82
C HIS C 125 -3.41 -21.65 -5.01
N CYS C 126 -3.78 -22.39 -3.97
CA CYS C 126 -4.93 -23.27 -4.05
C CYS C 126 -6.16 -22.37 -3.99
CA ALA C 127 -8.48 -22.05 -4.57
CA PRO C 128 -11.29 -24.54 -3.93
CA ALA C 129 -14.83 -23.18 -4.43
CA GLY C 130 -16.20 -22.07 -1.08
CA MET C 131 -12.87 -22.67 0.70
CA VAL C 132 -10.54 -20.14 -0.94
CA PRO C 133 -9.19 -18.05 1.94
CA TRP C 134 -8.93 -20.99 4.36
N HIS C 135 -7.77 -22.22 2.58
CA HIS C 135 -6.66 -22.97 2.03
C HIS C 135 -5.41 -22.12 1.82
CA VAL C 136 -4.50 -19.97 1.17
CA VAL C 137 -4.19 -18.73 4.73
CA SER C 138 -3.26 -22.31 5.76
CA GLY C 139 -0.12 -22.33 3.59
N MET C 140 -1.26 -22.79 1.49
CA MET C 140 -1.27 -23.21 0.09
C MET C 140 -0.93 -22.20 -1.02
CA ASN C 141 0.82 -21.04 -2.23
CA GLY C 142 4.21 -20.16 -3.72
CA ALA C 143 5.86 -18.35 -6.66
CA LEU C 144 6.35 -18.88 -10.46
CA MET C 145 9.23 -16.92 -11.93
CA VAL C 146 9.22 -16.16 -15.68
CA LEU C 147 12.58 -14.74 -16.70
CA PRO C 148 12.91 -12.60 -19.83
CA ARG C 149 14.72 -14.66 -22.45
CA ASP C 150 17.66 -12.22 -22.33
CA GLY C 151 17.95 -11.95 -18.55
CA LEU C 152 17.12 -8.96 -16.35
CA ARG C 153 17.99 -5.43 -17.56
CA ASP C 154 18.16 -2.07 -15.80
CA ALA C 155 16.05 0.95 -16.59
CA ALA C 156 18.22 1.45 -19.73
CA GLY C 157 18.82 -2.00 -21.28
CA ALA C 158 22.11 -2.60 -19.48
CA ALA C 159 22.18 -6.26 -18.48
CA LEU C 160 21.88 -7.15 -14.73
CA ALA C 161 22.95 -10.49 -13.23
CA TYR C 162 22.55 -12.03 -9.82
CA ASP C 163 24.85 -14.55 -8.15
CA ARG C 164 22.11 -16.33 -6.20
CA VAL C 165 18.34 -16.26 -5.49
CA TYR C 166 16.24 -16.82 -2.37
CA THR C 167 12.54 -17.22 -1.82
CA ILE C 168 10.71 -15.83 1.17
CA GLY C 169 6.99 -16.46 1.55
CA GLU C 170 5.26 -14.41 4.24
CA SER C 171 2.21 -15.92 5.93
CA ASP C 172 -0.41 -14.13 8.06
CA LEU C 173 -1.82 -16.84 10.42
CA TYR C 174 -5.13 -16.88 12.33
CA VAL C 175 -4.78 -19.29 15.23
CA PRO C 176 -7.76 -19.47 17.67
CA LYS C 177 -7.45 -18.92 21.42
CA ALA C 178 -9.86 -20.57 23.85
CA ALA C 179 -11.53 -19.19 27.01
CA ASP C 180 -8.31 -19.19 29.05
CA GLY C 181 -6.45 -17.30 26.32
CA ASN C 182 -4.67 -20.47 25.27
CA TYR C 183 -4.30 -21.22 21.55
CA SER C 184 -6.63 -24.09 20.83
CA ASP C 185 -5.03 -27.34 19.64
CA TYR C 186 -6.95 -29.39 17.04
CA PRO C 187 -6.78 -33.17 16.49
CA ALA C 188 -8.17 -32.95 12.96
CA LEU C 189 -7.91 -30.35 10.18
CA ALA C 190 -11.66 -30.17 9.88
CA SER C 191 -11.99 -29.46 13.65
CA ALA C 192 -9.88 -26.32 12.96
CA TYR C 193 -12.16 -24.84 10.34
CA ALA C 194 -15.01 -23.05 12.08
CA ASP C 195 -12.99 -21.34 14.79
CA THR C 196 -10.30 -20.08 12.43
CA VAL C 197 -12.89 -18.59 10.11
CA ALA C 198 -14.28 -16.60 13.05
CA VAL C 199 -10.78 -15.24 13.66
CA MET C 200 -10.19 -14.41 10.00
CA ARG C 201 -13.17 -12.10 10.05
CA THR C 202 -11.55 -9.93 12.70
CA LEU C 203 -8.83 -9.26 10.08
CA THR C 204 -6.05 -9.34 12.68
CA PRO C 205 -3.43 -12.13 12.51
CA SER C 206 -2.17 -14.02 15.54
CA HIS C 207 1.24 -14.65 13.93
CA ALA C 208 2.79 -13.35 10.69
CA VAL C 209 5.51 -15.78 9.62
CA PHE C 210 8.38 -16.15 7.05
CA ASN C 211 8.67 -19.62 5.55
CA GLY C 212 6.45 -21.45 8.03
CA ALA C 213 7.80 -20.70 11.56
CA VAL C 214 8.77 -17.86 13.85
CA GLY C 215 12.55 -18.27 13.53
CA ALA C 216 12.63 -20.01 10.15
CA LEU C 217 15.47 -17.94 8.64
CA THR C 218 17.63 -17.47 11.74
CA GLY C 219 20.39 -19.33 13.56
CA ALA C 220 21.71 -22.22 11.50
CA ASN C 221 19.07 -21.32 8.89
CA ALA C 222 19.96 -17.71 8.28
CA LEU C 223 20.66 -16.95 4.59
CA THR C 224 24.29 -16.51 3.51
CA ALA C 225 26.13 -14.28 1.07
CA ALA C 226 29.56 -12.71 0.65
CA VAL C 227 30.63 -9.14 0.18
CA GLY C 228 30.61 -8.63 -3.60
CA GLU C 229 27.62 -10.89 -4.37
CA SER C 230 24.38 -9.83 -5.91
CA VAL C 231 21.44 -11.64 -4.50
CA LEU C 232 17.93 -11.73 -5.94
CA ILE C 233 15.40 -11.81 -3.11
CA ILE C 234 11.94 -13.03 -4.20
CA HIS C 235 9.15 -12.20 -1.71
CA SER C 236 5.54 -13.37 -1.93
CA GLN C 237 2.39 -12.67 0.08
CA ALA C 238 -0.81 -14.21 -1.21
CA ASN C 239 -3.34 -12.49 1.08
CA ARG C 240 -2.00 -9.39 2.83
CA ASP C 241 0.49 -6.57 2.03
CA SER C 242 4.00 -6.13 3.49
CA ARG C 243 6.92 -3.67 3.43
CA PRO C 244 10.13 -5.65 3.04
CA HIS C 245 13.28 -3.97 4.32
CA LEU C 246 16.97 -5.05 4.56
CA ILE C 247 18.60 -3.59 7.74
CA GLY C 248 22.01 -2.16 6.83
CA GLY C 249 21.42 -2.46 3.08
CA HIS C 250 19.04 -1.29 0.33
CA GLY C 251 17.17 -2.46 -2.75
CA ASP C 252 19.53 -1.59 -5.60
CA TRP C 253 17.02 -2.48 -8.31
CA VAL C 254 13.48 -3.30 -7.20
CA TRP C 255 10.40 -4.52 -9.06
CA THR C 256 7.82 -4.32 -6.19
CA THR C 257 5.02 -5.17 -8.62
CA GLY C 258 7.38 -7.96 -9.69
CA LYS C 259 6.75 -7.73 -13.47
CA PHE C 260 10.01 -7.63 -15.43
CA ALA C 261 8.88 -5.82 -18.60
CA ASN C 262 8.70 -2.57 -16.56
CA PRO C 263 11.88 -0.79 -15.47
CA PRO C 264 13.08 -1.27 -11.86
CA GLN C 265 13.52 1.47 -9.25
CA LEU C 266 16.85 2.12 -7.67
CA ASN C 267 17.92 2.83 -4.09
CA MET C 268 14.80 1.69 -2.17
CA GLU C 269 15.09 1.76 1.62
CA THR C 270 11.88 -0.24 2.09
CA TRP C 271 9.44 -1.44 -0.60
CA PHE C 272 5.78 -2.69 -0.83
CA ILE C 273 4.21 -6.00 -1.94
CA PRO C 274 0.39 -5.99 -2.43
CA GLY C 275 -1.42 -8.97 -1.06
CA GLY C 276 -2.00 -11.39 -3.89
CA SER C 277 1.36 -10.74 -5.63
CA ALA C 278 5.12 -11.42 -5.52
CA ALA C 279 8.02 -9.03 -6.11
CA ALA C 280 11.79 -9.05 -6.59
CA ALA C 281 14.78 -7.01 -5.41
CA LEU C 282 18.40 -7.07 -6.42
CA TYR C 283 21.17 -6.13 -3.98
CA THR C 284 24.99 -6.38 -3.93
CA PHE C 285 26.61 -6.71 -0.50
CA LYS C 286 29.25 -4.08 0.30
CA GLN C 287 29.82 -4.76 4.00
CA PRO C 288 30.08 -8.03 6.01
CA GLY C 289 28.03 -8.87 9.11
CA THR C 290 24.51 -9.86 10.10
CA TYR C 291 21.54 -8.33 8.31
CA ALA C 292 17.91 -8.49 9.24
CA TYR C 293 15.40 -8.88 6.44
CA LEU C 294 11.87 -8.08 7.64
CA SER C 295 8.41 -6.48 7.18
N HIS C 296 8.72 -4.04 7.51
CA HIS C 296 8.94 -2.84 8.31
C HIS C 296 7.76 -2.26 9.09
CA ASN C 297 5.76 -2.68 10.41
CA LEU C 298 7.97 -3.33 13.42
CA ILE C 299 5.13 -4.85 15.50
CA GLU C 300 4.40 -7.37 12.73
CA ALA C 301 8.13 -7.99 12.45
CA MET C 302 9.36 -8.25 16.05
CA GLU C 303 6.11 -9.03 17.97
CA LEU C 304 4.27 -11.24 15.44
CA GLY C 305 7.19 -12.93 13.61
CA ALA C 306 8.09 -11.48 10.17
CA ALA C 307 11.86 -10.99 10.35
CA ALA C 308 14.95 -12.95 9.21
CA GLN C 309 18.72 -13.07 9.12
CA ALA C 310 21.42 -12.95 6.41
CA SER C 311 25.08 -13.58 7.26
CA VAL C 312 27.55 -11.89 4.99
CA GLU C 313 31.24 -12.82 4.97
CA GLY C 314 33.95 -10.40 3.80
CA GLN C 315 35.95 -7.33 4.93
CA TRP C 316 34.79 -3.99 6.34
CA ASP C 317 34.99 -0.80 4.28
CA ASP C 318 35.73 2.25 6.45
CA ASP C 319 34.91 4.65 3.66
CA LEU C 320 31.29 3.47 3.87
CA MET C 321 31.08 3.50 7.71
CA THR C 322 33.35 4.18 10.76
CA SER C 323 32.83 4.39 14.52
CA VAL C 324 34.79 7.67 14.80
CA ALA C 325 34.45 7.48 18.61
CA ALA C 326 33.03 4.56 20.62
CA PRO C 327 30.44 5.06 23.41
CA GLY C 328 32.14 7.38 25.87
CA PRO C 329 31.54 7.19 29.55
CA ALA C 330 35.32 7.70 29.96
#